data_3QVL
#
_entry.id   3QVL
#
_cell.length_a   124.955
_cell.length_b   124.955
_cell.length_c   126.954
_cell.angle_alpha   90.000
_cell.angle_beta   90.000
_cell.angle_gamma   120.000
#
_symmetry.space_group_name_H-M   'P 63 2 2'
#
loop_
_entity.id
_entity.type
_entity.pdbx_description
1 polymer 'Putative hydantoin racemase'
2 non-polymer '[(4R)-2,5-dioxoimidazolidin-4-yl]acetic acid'
3 water water
#
_entity_poly.entity_id   1
_entity_poly.type   'polypeptide(L)'
_entity_poly.pdbx_seq_one_letter_code
;SVRIQVINPNTSLAMTETIGAAARAVAAPGTEILAVCPRAGVPSIEGHFDEAIAAVGVLEQIRAGREQGVDGHVIASFGD
PGLLAARELAQGPVIGIAEAAMHMATMVATRFSIVTTLPRTLIIARHLLHQYGFHQHCAALHAIDLPVLALEDGSGLAQE
KVRERCIRALKEDGSGAIVLGSGGMATLAQQLTRELRVPVIDGVSAAVKMVESLVALGLATSKHGDLAFPEKKALSGQFQ
SLNPF
;
_entity_poly.pdbx_strand_id   A,B
#
# COMPACT_ATOMS: atom_id res chain seq x y z
N SER A 1 -11.16 -34.74 -5.45
CA SER A 1 -11.98 -35.54 -4.49
C SER A 1 -12.43 -34.69 -3.29
N VAL A 2 -11.51 -33.91 -2.75
CA VAL A 2 -11.80 -33.00 -1.63
C VAL A 2 -11.52 -31.57 -2.07
N ARG A 3 -12.53 -30.71 -1.93
CA ARG A 3 -12.39 -29.31 -2.30
C ARG A 3 -12.51 -28.42 -1.06
N ILE A 4 -11.46 -27.64 -0.80
CA ILE A 4 -11.41 -26.75 0.35
C ILE A 4 -11.33 -25.30 -0.08
N GLN A 5 -12.31 -24.51 0.35
CA GLN A 5 -12.33 -23.08 0.07
C GLN A 5 -11.50 -22.35 1.13
N VAL A 6 -10.37 -21.79 0.70
CA VAL A 6 -9.51 -21.03 1.60
C VAL A 6 -9.79 -19.53 1.40
N ILE A 7 -10.44 -18.94 2.39
CA ILE A 7 -10.91 -17.55 2.29
C ILE A 7 -9.94 -16.59 2.97
N ASN A 8 -9.33 -15.71 2.16
CA ASN A 8 -8.65 -14.54 2.69
C ASN A 8 -9.71 -13.50 3.01
N PRO A 9 -9.89 -13.18 4.31
CA PRO A 9 -10.94 -12.24 4.74
C PRO A 9 -10.70 -10.79 4.32
N ASN A 10 -9.47 -10.44 3.99
CA ASN A 10 -9.19 -9.13 3.41
C ASN A 10 -9.20 -9.18 1.88
N THR A 11 -9.25 -8.01 1.24
CA THR A 11 -9.44 -7.92 -0.22
C THR A 11 -8.13 -7.85 -1.02
N SER A 12 -7.00 -7.97 -0.33
CA SER A 12 -5.69 -7.96 -0.99
C SER A 12 -5.48 -9.24 -1.80
N LEU A 13 -5.36 -9.09 -3.12
CA LEU A 13 -5.10 -10.23 -3.99
C LEU A 13 -3.68 -10.76 -3.74
N ALA A 14 -2.76 -9.84 -3.43
CA ALA A 14 -1.37 -10.20 -3.11
C ALA A 14 -1.31 -11.18 -1.93
N MET A 15 -2.05 -10.88 -0.87
CA MET A 15 -2.11 -11.75 0.31
C MET A 15 -2.87 -13.05 0.00
N THR A 16 -3.89 -12.96 -0.85
CA THR A 16 -4.63 -14.14 -1.30
C THR A 16 -3.70 -15.13 -2.03
N GLU A 17 -2.79 -14.58 -2.83
CA GLU A 17 -1.77 -15.38 -3.54
C GLU A 17 -0.83 -16.10 -2.58
N THR A 18 -0.37 -15.38 -1.56
CA THR A 18 0.52 -15.94 -0.53
C THR A 18 -0.20 -17.06 0.24
N ILE A 19 -1.44 -16.78 0.64
CA ILE A 19 -2.28 -17.74 1.36
C ILE A 19 -2.56 -18.98 0.50
N GLY A 20 -2.94 -18.76 -0.76
CA GLY A 20 -3.22 -19.83 -1.71
C GLY A 20 -2.02 -20.74 -1.97
N ALA A 21 -0.84 -20.13 -2.07
CA ALA A 21 0.41 -20.88 -2.28
C ALA A 21 0.75 -21.78 -1.09
N ALA A 22 0.56 -21.25 0.12
CA ALA A 22 0.82 -22.01 1.34
C ALA A 22 -0.15 -23.19 1.50
N ALA A 23 -1.40 -22.97 1.11
CA ALA A 23 -2.44 -23.98 1.19
C ALA A 23 -2.20 -25.15 0.22
N ARG A 24 -1.81 -24.81 -1.01
CA ARG A 24 -1.56 -25.82 -2.05
C ARG A 24 -0.30 -26.63 -1.79
N ALA A 25 0.69 -26.01 -1.13
CA ALA A 25 1.98 -26.64 -0.86
C ALA A 25 1.89 -27.86 0.06
N VAL A 26 0.88 -27.88 0.93
CA VAL A 26 0.72 -28.97 1.90
C VAL A 26 -0.50 -29.85 1.64
N ALA A 27 -1.31 -29.46 0.65
CA ALA A 27 -2.54 -30.18 0.31
C ALA A 27 -2.28 -31.64 -0.04
N ALA A 28 -3.09 -32.53 0.52
CA ALA A 28 -3.00 -33.96 0.26
C ALA A 28 -3.39 -34.29 -1.18
N PRO A 29 -2.89 -35.41 -1.73
CA PRO A 29 -3.32 -35.84 -3.06
C PRO A 29 -4.84 -35.96 -3.14
N GLY A 30 -5.43 -35.35 -4.17
CA GLY A 30 -6.88 -35.35 -4.34
C GLY A 30 -7.57 -34.11 -3.80
N THR A 31 -6.81 -33.26 -3.12
CA THR A 31 -7.34 -32.01 -2.56
C THR A 31 -7.16 -30.84 -3.53
N GLU A 32 -8.27 -30.17 -3.83
CA GLU A 32 -8.24 -28.94 -4.61
C GLU A 32 -8.44 -27.74 -3.68
N ILE A 33 -7.57 -26.75 -3.82
CA ILE A 33 -7.67 -25.52 -3.04
C ILE A 33 -8.35 -24.44 -3.87
N LEU A 34 -9.41 -23.85 -3.29
CA LEU A 34 -10.07 -22.70 -3.90
C LEU A 34 -9.75 -21.44 -3.08
N ALA A 35 -8.70 -20.74 -3.49
CA ALA A 35 -8.26 -19.53 -2.80
C ALA A 35 -9.08 -18.33 -3.26
N VAL A 36 -9.82 -17.74 -2.32
CA VAL A 36 -10.72 -16.63 -2.63
C VAL A 36 -10.59 -15.48 -1.62
N CYS A 37 -11.16 -14.34 -1.98
CA CYS A 37 -11.27 -13.18 -1.10
C CYS A 37 -12.58 -12.45 -1.38
N PRO A 38 -13.07 -11.63 -0.42
CA PRO A 38 -14.36 -10.96 -0.62
C PRO A 38 -14.31 -9.95 -1.76
N ARG A 39 -15.45 -9.77 -2.43
CA ARG A 39 -15.58 -8.79 -3.51
C ARG A 39 -15.58 -7.38 -2.96
N ALA A 40 -16.07 -7.22 -1.73
CA ALA A 40 -16.11 -5.94 -1.04
C ALA A 40 -15.57 -6.07 0.37
N GLY A 41 -14.79 -5.09 0.80
CA GLY A 41 -14.26 -5.07 2.16
C GLY A 41 -13.05 -4.20 2.37
N VAL A 42 -12.07 -4.76 3.08
CA VAL A 42 -10.91 -4.02 3.54
C VAL A 42 -9.62 -4.71 3.03
N PRO A 43 -8.65 -3.91 2.53
CA PRO A 43 -7.39 -4.47 1.99
C PRO A 43 -6.53 -5.23 3.01
N SER A 44 -6.59 -4.81 4.28
CA SER A 44 -5.92 -5.51 5.37
C SER A 44 -6.68 -5.32 6.67
N ILE A 45 -6.56 -6.29 7.57
CA ILE A 45 -7.29 -6.27 8.83
C ILE A 45 -6.37 -5.87 9.98
N GLU A 46 -6.59 -4.68 10.51
CA GLU A 46 -5.70 -4.07 11.50
C GLU A 46 -6.48 -3.46 12.65
N GLY A 47 -7.42 -4.22 13.20
CA GLY A 47 -8.25 -3.75 14.31
C GLY A 47 -9.65 -4.34 14.29
N HIS A 48 -10.47 -3.89 15.24
CA HIS A 48 -11.80 -4.45 15.46
C HIS A 48 -12.80 -4.02 14.38
N PHE A 49 -12.67 -2.77 13.93
CA PHE A 49 -13.48 -2.22 12.83
C PHE A 49 -13.25 -3.02 11.55
N ASP A 50 -11.98 -3.24 11.22
CA ASP A 50 -11.60 -4.04 10.06
C ASP A 50 -12.12 -5.47 10.15
N GLU A 51 -12.06 -6.05 11.35
CA GLU A 51 -12.54 -7.41 11.60
C GLU A 51 -14.04 -7.58 11.35
N ALA A 52 -14.83 -6.59 11.78
CA ALA A 52 -16.27 -6.61 11.60
C ALA A 52 -16.66 -6.60 10.12
N ILE A 53 -15.93 -5.82 9.34
CA ILE A 53 -16.12 -5.77 7.88
C ILE A 53 -15.72 -7.10 7.25
N ALA A 54 -14.55 -7.60 7.65
CA ALA A 54 -14.01 -8.86 7.13
C ALA A 54 -14.94 -10.05 7.41
N ALA A 55 -15.58 -10.04 8.57
CA ALA A 55 -16.50 -11.10 8.98
C ALA A 55 -17.65 -11.31 7.98
N VAL A 56 -18.22 -10.20 7.50
CA VAL A 56 -19.31 -10.25 6.52
C VAL A 56 -18.78 -10.70 5.15
N GLY A 57 -17.57 -10.26 4.80
CA GLY A 57 -16.90 -10.71 3.59
C GLY A 57 -16.65 -12.20 3.57
N VAL A 58 -16.27 -12.75 4.73
CA VAL A 58 -16.12 -14.18 4.92
C VAL A 58 -17.44 -14.90 4.64
N LEU A 59 -18.53 -14.38 5.20
CA LEU A 59 -19.86 -14.97 5.05
C LEU A 59 -20.33 -15.00 3.59
N GLU A 60 -20.00 -13.95 2.85
CA GLU A 60 -20.29 -13.87 1.42
C GLU A 60 -19.61 -15.01 0.66
N GLN A 61 -18.36 -15.30 1.03
CA GLN A 61 -17.61 -16.39 0.42
C GLN A 61 -18.04 -17.78 0.91
N ILE A 62 -18.42 -17.86 2.19
CA ILE A 62 -18.99 -19.09 2.76
C ILE A 62 -20.24 -19.50 1.98
N ARG A 63 -21.10 -18.52 1.72
CA ARG A 63 -22.30 -18.72 0.92
C ARG A 63 -21.97 -19.27 -0.46
N ALA A 64 -20.98 -18.65 -1.12
CA ALA A 64 -20.51 -19.09 -2.43
C ALA A 64 -19.94 -20.51 -2.39
N GLY A 65 -19.15 -20.80 -1.36
CA GLY A 65 -18.56 -22.12 -1.16
C GLY A 65 -19.59 -23.22 -0.97
N ARG A 66 -20.60 -22.92 -0.15
CA ARG A 66 -21.70 -23.86 0.11
C ARG A 66 -22.54 -24.13 -1.14
N GLU A 67 -22.73 -23.09 -1.96
CA GLU A 67 -23.41 -23.22 -3.25
C GLU A 67 -22.64 -24.14 -4.20
N GLN A 68 -21.31 -24.05 -4.14
CA GLN A 68 -20.42 -24.89 -4.96
C GLN A 68 -20.32 -26.31 -4.41
N GLY A 69 -20.69 -26.49 -3.14
CA GLY A 69 -20.66 -27.80 -2.49
C GLY A 69 -19.26 -28.22 -2.10
N VAL A 70 -18.47 -27.27 -1.60
CA VAL A 70 -17.13 -27.55 -1.10
C VAL A 70 -17.19 -28.37 0.19
N ASP A 71 -16.12 -29.10 0.47
CA ASP A 71 -16.06 -30.01 1.61
C ASP A 71 -15.76 -29.30 2.93
N GLY A 72 -15.11 -28.14 2.84
CA GLY A 72 -14.75 -27.36 4.02
C GLY A 72 -14.22 -25.98 3.70
N HIS A 73 -14.02 -25.18 4.74
CA HIS A 73 -13.59 -23.79 4.58
C HIS A 73 -12.46 -23.43 5.55
N VAL A 74 -11.62 -22.50 5.12
CA VAL A 74 -10.56 -21.94 5.96
C VAL A 74 -10.71 -20.42 6.01
N ILE A 75 -10.70 -19.85 7.21
CA ILE A 75 -10.69 -18.40 7.39
C ILE A 75 -9.24 -17.95 7.61
N ALA A 76 -8.69 -17.29 6.59
CA ALA A 76 -7.25 -17.07 6.51
C ALA A 76 -6.72 -15.71 6.98
N SER A 77 -7.24 -15.23 8.11
N SER A 77 -7.26 -15.25 8.11
CA SER A 77 -6.64 -14.11 8.80
CA SER A 77 -6.74 -14.09 8.84
C SER A 77 -6.57 -14.42 10.29
C SER A 77 -6.57 -14.46 10.30
N PHE A 78 -5.50 -13.96 10.93
CA PHE A 78 -5.15 -14.36 12.30
C PHE A 78 -6.12 -13.94 13.42
N GLY A 79 -7.14 -13.16 13.07
CA GLY A 79 -8.20 -12.85 14.02
C GLY A 79 -9.38 -13.80 13.93
N ASP A 80 -9.30 -14.73 12.98
CA ASP A 80 -10.39 -15.66 12.66
C ASP A 80 -11.77 -14.98 12.61
N PRO A 81 -11.89 -13.88 11.83
CA PRO A 81 -13.13 -13.10 11.84
C PRO A 81 -14.33 -13.88 11.32
N GLY A 82 -15.43 -13.80 12.04
CA GLY A 82 -16.69 -14.45 11.67
C GLY A 82 -16.66 -15.97 11.71
N LEU A 83 -15.79 -16.54 12.55
CA LEU A 83 -15.61 -18.00 12.61
C LEU A 83 -16.90 -18.74 12.97
N LEU A 84 -17.55 -18.34 14.06
CA LEU A 84 -18.77 -19.01 14.51
C LEU A 84 -19.96 -18.70 13.61
N ALA A 85 -19.98 -17.49 13.05
CA ALA A 85 -20.99 -17.10 12.05
C ALA A 85 -20.88 -17.99 10.81
N ALA A 86 -19.63 -18.23 10.38
CA ALA A 86 -19.35 -19.09 9.23
C ALA A 86 -19.74 -20.54 9.48
N ARG A 87 -19.52 -21.01 10.71
CA ARG A 87 -19.86 -22.38 11.08
C ARG A 87 -21.37 -22.61 11.08
N GLU A 88 -22.14 -21.57 11.40
CA GLU A 88 -23.60 -21.62 11.31
C GLU A 88 -24.07 -21.73 9.86
N LEU A 89 -23.49 -20.90 8.99
CA LEU A 89 -23.90 -20.83 7.59
C LEU A 89 -23.44 -22.04 6.78
N ALA A 90 -22.21 -22.50 7.01
CA ALA A 90 -21.62 -23.60 6.25
C ALA A 90 -22.08 -24.97 6.74
N GLN A 91 -22.09 -25.94 5.83
CA GLN A 91 -22.34 -27.33 6.18
C GLN A 91 -21.02 -28.02 6.54
N GLY A 92 -20.03 -27.87 5.67
CA GLY A 92 -18.69 -28.38 5.92
C GLY A 92 -18.00 -27.61 7.03
N PRO A 93 -16.97 -28.22 7.65
CA PRO A 93 -16.26 -27.55 8.76
C PRO A 93 -15.56 -26.27 8.33
N VAL A 94 -15.49 -25.31 9.26
CA VAL A 94 -14.79 -24.06 9.04
C VAL A 94 -13.70 -23.91 10.10
N ILE A 95 -12.45 -23.76 9.65
CA ILE A 95 -11.31 -23.66 10.54
C ILE A 95 -10.59 -22.32 10.37
N GLY A 96 -10.38 -21.62 11.48
CA GLY A 96 -9.60 -20.38 11.47
C GLY A 96 -8.12 -20.68 11.52
N ILE A 97 -7.31 -19.78 10.96
CA ILE A 97 -5.86 -20.01 10.93
C ILE A 97 -5.17 -19.78 12.28
N ALA A 98 -5.68 -18.85 13.07
CA ALA A 98 -5.19 -18.67 14.44
C ALA A 98 -5.51 -19.92 15.26
N GLU A 99 -6.75 -20.37 15.16
CA GLU A 99 -7.23 -21.59 15.80
C GLU A 99 -6.33 -22.78 15.47
N ALA A 100 -6.12 -23.01 14.18
CA ALA A 100 -5.33 -24.16 13.71
C ALA A 100 -3.87 -24.10 14.13
N ALA A 101 -3.26 -22.91 14.03
CA ALA A 101 -1.85 -22.71 14.41
C ALA A 101 -1.62 -22.95 15.90
N MET A 102 -2.53 -22.44 16.73
CA MET A 102 -2.47 -22.62 18.18
C MET A 102 -2.67 -24.09 18.57
N HIS A 103 -3.64 -24.75 17.92
CA HIS A 103 -3.90 -26.17 18.12
C HIS A 103 -2.67 -27.03 17.81
N MET A 104 -2.03 -26.75 16.69
CA MET A 104 -0.82 -27.47 16.27
C MET A 104 0.36 -27.23 17.21
N ALA A 105 0.48 -25.99 17.70
CA ALA A 105 1.56 -25.59 18.59
C ALA A 105 1.59 -26.38 19.89
N THR A 106 0.41 -26.66 20.43
CA THR A 106 0.29 -27.40 21.69
C THR A 106 0.61 -28.89 21.53
N MET A 107 0.67 -29.35 20.28
CA MET A 107 0.96 -30.75 19.97
C MET A 107 2.46 -31.02 19.78
N VAL A 108 3.24 -29.96 19.61
CA VAL A 108 4.68 -30.08 19.36
C VAL A 108 5.57 -29.34 20.36
N ALA A 109 4.94 -28.58 21.25
CA ALA A 109 5.66 -27.81 22.28
C ALA A 109 4.79 -27.61 23.52
N THR A 110 5.43 -27.39 24.66
CA THR A 110 4.71 -27.09 25.90
C THR A 110 4.11 -25.68 25.83
N ARG A 111 4.92 -24.73 25.37
CA ARG A 111 4.47 -23.34 25.21
C ARG A 111 4.97 -22.75 23.90
N PHE A 112 4.21 -21.79 23.37
CA PHE A 112 4.57 -21.13 22.12
C PHE A 112 4.58 -19.61 22.25
N SER A 113 5.28 -18.95 21.33
CA SER A 113 5.25 -17.50 21.22
C SER A 113 4.60 -17.09 19.92
N ILE A 114 3.82 -16.01 19.96
CA ILE A 114 3.16 -15.47 18.77
C ILE A 114 3.96 -14.28 18.23
N VAL A 115 4.18 -14.28 16.91
CA VAL A 115 4.79 -13.15 16.23
C VAL A 115 3.83 -12.63 15.16
N THR A 116 3.21 -11.49 15.44
CA THR A 116 2.27 -10.86 14.50
C THR A 116 2.87 -9.56 13.93
N THR A 117 2.07 -8.81 13.17
CA THR A 117 2.59 -7.65 12.43
C THR A 117 2.41 -6.32 13.17
N LEU A 118 1.16 -5.91 13.39
CA LEU A 118 0.85 -4.62 14.05
C LEU A 118 0.55 -4.78 15.55
N PRO A 119 1.11 -3.88 16.39
CA PRO A 119 0.89 -3.89 17.84
C PRO A 119 -0.59 -3.84 18.27
N ARG A 120 -1.43 -3.08 17.56
CA ARG A 120 -2.83 -2.93 17.93
C ARG A 120 -3.67 -4.21 17.71
N THR A 121 -3.09 -5.18 17.01
CA THR A 121 -3.75 -6.46 16.77
C THR A 121 -3.41 -7.50 17.85
N LEU A 122 -2.48 -7.16 18.73
CA LEU A 122 -2.07 -8.06 19.82
C LEU A 122 -3.24 -8.37 20.75
N ILE A 123 -4.07 -7.38 21.02
CA ILE A 123 -5.27 -7.54 21.87
C ILE A 123 -6.26 -8.54 21.27
N ILE A 124 -6.37 -8.55 19.94
CA ILE A 124 -7.24 -9.49 19.22
C ILE A 124 -6.72 -10.92 19.40
N ALA A 125 -5.40 -11.09 19.30
CA ALA A 125 -4.76 -12.38 19.53
C ALA A 125 -4.89 -12.84 20.98
N ARG A 126 -4.80 -11.90 21.92
CA ARG A 126 -4.99 -12.17 23.35
C ARG A 126 -6.40 -12.70 23.63
N HIS A 127 -7.39 -12.06 23.02
CA HIS A 127 -8.80 -12.45 23.16
C HIS A 127 -9.04 -13.87 22.64
N LEU A 128 -8.42 -14.19 21.50
CA LEU A 128 -8.54 -15.53 20.90
C LEU A 128 -7.88 -16.61 21.75
N LEU A 129 -6.74 -16.27 22.37
CA LEU A 129 -6.07 -17.17 23.30
C LEU A 129 -7.00 -17.58 24.44
N HIS A 130 -7.69 -16.59 25.00
CA HIS A 130 -8.66 -16.83 26.08
C HIS A 130 -9.88 -17.60 25.60
N GLN A 131 -10.41 -17.20 24.43
CA GLN A 131 -11.57 -17.84 23.84
C GLN A 131 -11.33 -19.31 23.51
N TYR A 132 -10.16 -19.60 22.93
CA TYR A 132 -9.82 -20.97 22.54
C TYR A 132 -9.26 -21.79 23.70
N GLY A 133 -8.83 -21.10 24.76
CA GLY A 133 -8.34 -21.74 25.97
C GLY A 133 -6.86 -22.07 25.97
N PHE A 134 -6.08 -21.29 25.21
CA PHE A 134 -4.64 -21.54 25.08
C PHE A 134 -3.77 -20.48 25.76
N HIS A 135 -4.38 -19.65 26.61
CA HIS A 135 -3.66 -18.58 27.29
C HIS A 135 -2.44 -19.06 28.09
N GLN A 136 -2.62 -20.17 28.81
CA GLN A 136 -1.54 -20.77 29.60
C GLN A 136 -0.44 -21.38 28.72
N HIS A 137 -0.79 -21.74 27.50
CA HIS A 137 0.15 -22.33 26.54
C HIS A 137 0.94 -21.28 25.76
N CYS A 138 0.57 -20.01 25.89
CA CYS A 138 1.27 -18.94 25.20
C CYS A 138 2.22 -18.20 26.14
N ALA A 139 3.51 -18.33 25.87
CA ALA A 139 4.55 -17.72 26.69
C ALA A 139 4.60 -16.20 26.51
N ALA A 140 4.47 -15.75 25.25
CA ALA A 140 4.51 -14.32 24.93
C ALA A 140 3.88 -14.02 23.57
N LEU A 141 3.48 -12.77 23.38
CA LEU A 141 2.97 -12.28 22.12
C LEU A 141 3.80 -11.08 21.68
N HIS A 142 4.22 -11.07 20.42
CA HIS A 142 5.05 -10.00 19.88
C HIS A 142 4.53 -9.48 18.55
N ALA A 143 4.82 -8.21 18.28
CA ALA A 143 4.53 -7.61 16.99
C ALA A 143 5.80 -7.01 16.41
N ILE A 144 5.97 -7.10 15.09
CA ILE A 144 7.15 -6.56 14.41
C ILE A 144 7.04 -5.07 14.13
N ASP A 145 5.87 -4.50 14.45
CA ASP A 145 5.61 -3.06 14.34
C ASP A 145 5.65 -2.51 12.90
N LEU A 146 4.97 -3.22 12.00
CA LEU A 146 4.80 -2.76 10.62
C LEU A 146 3.34 -2.96 10.20
N PRO A 147 2.88 -2.18 9.20
CA PRO A 147 1.55 -2.44 8.65
C PRO A 147 1.46 -3.86 8.09
N VAL A 148 0.27 -4.45 8.14
CA VAL A 148 0.05 -5.82 7.67
C VAL A 148 0.55 -6.04 6.24
N LEU A 149 0.28 -5.08 5.36
CA LEU A 149 0.64 -5.19 3.95
C LEU A 149 2.13 -5.02 3.65
N ALA A 150 2.92 -4.69 4.66
CA ALA A 150 4.37 -4.61 4.53
C ALA A 150 4.97 -5.97 4.14
N LEU A 151 4.28 -7.04 4.50
CA LEU A 151 4.67 -8.40 4.13
C LEU A 151 4.57 -8.64 2.62
N GLU A 152 3.82 -7.77 1.93
CA GLU A 152 3.60 -7.89 0.49
C GLU A 152 4.23 -6.76 -0.32
N ASP A 153 5.05 -5.92 0.32
CA ASP A 153 5.62 -4.75 -0.35
C ASP A 153 6.93 -5.00 -1.11
N GLY A 154 7.41 -6.24 -1.04
CA GLY A 154 8.58 -6.67 -1.82
C GLY A 154 9.94 -6.31 -1.28
N SER A 155 9.97 -5.51 -0.21
CA SER A 155 11.23 -5.03 0.37
C SER A 155 11.99 -6.11 1.15
N GLY A 156 11.23 -7.07 1.70
CA GLY A 156 11.81 -8.14 2.51
C GLY A 156 12.09 -7.71 3.94
N LEU A 157 11.73 -6.47 4.28
CA LEU A 157 11.95 -5.92 5.61
C LEU A 157 11.12 -6.62 6.68
N ALA A 158 9.84 -6.82 6.40
CA ALA A 158 8.92 -7.50 7.31
C ALA A 158 9.37 -8.94 7.57
N GLN A 159 9.78 -9.62 6.51
CA GLN A 159 10.27 -11.00 6.58
C GLN A 159 11.52 -11.13 7.46
N GLU A 160 12.43 -10.17 7.33
CA GLU A 160 13.64 -10.14 8.15
C GLU A 160 13.32 -9.83 9.61
N LYS A 161 12.37 -8.92 9.82
CA LYS A 161 11.92 -8.57 11.17
C LYS A 161 11.24 -9.75 11.88
N VAL A 162 10.50 -10.55 11.13
CA VAL A 162 9.87 -11.77 11.66
C VAL A 162 10.95 -12.75 12.12
N ARG A 163 11.93 -12.99 11.26
CA ARG A 163 13.06 -13.88 11.55
C ARG A 163 13.80 -13.45 12.82
N GLU A 164 14.16 -12.17 12.91
CA GLU A 164 14.87 -11.63 14.06
C GLU A 164 14.06 -11.71 15.35
N ARG A 165 12.76 -11.45 15.24
CA ARG A 165 11.85 -11.55 16.38
C ARG A 165 11.63 -13.00 16.85
N CYS A 166 11.64 -13.94 15.90
CA CYS A 166 11.55 -15.36 16.22
C CYS A 166 12.78 -15.83 17.00
N ILE A 167 13.96 -15.42 16.54
CA ILE A 167 15.23 -15.74 17.21
C ILE A 167 15.25 -15.20 18.64
N ARG A 168 14.81 -13.95 18.81
CA ARG A 168 14.77 -13.31 20.11
C ARG A 168 13.73 -13.95 21.03
N ALA A 169 12.60 -14.36 20.46
CA ALA A 169 11.55 -15.04 21.21
C ALA A 169 12.03 -16.37 21.78
N LEU A 170 12.74 -17.15 20.96
CA LEU A 170 13.25 -18.46 21.38
C LEU A 170 14.35 -18.36 22.44
N LYS A 171 15.01 -17.20 22.50
CA LYS A 171 16.06 -16.95 23.48
C LYS A 171 15.49 -16.45 24.81
N GLU A 172 14.41 -15.66 24.75
CA GLU A 172 13.91 -14.93 25.91
C GLU A 172 12.63 -15.49 26.54
N ASP A 173 11.71 -15.97 25.70
CA ASP A 173 10.33 -16.26 26.16
C ASP A 173 10.15 -17.52 26.99
N GLY A 174 11.05 -18.50 26.81
CA GLY A 174 10.89 -19.80 27.43
C GLY A 174 9.84 -20.64 26.72
N SER A 175 9.80 -20.51 25.39
CA SER A 175 8.88 -21.26 24.55
C SER A 175 9.65 -22.20 23.62
N GLY A 176 8.95 -23.21 23.10
CA GLY A 176 9.56 -24.20 22.22
C GLY A 176 9.14 -24.10 20.77
N ALA A 177 8.13 -23.29 20.49
CA ALA A 177 7.61 -23.12 19.13
C ALA A 177 7.16 -21.70 18.86
N ILE A 178 7.08 -21.35 17.57
CA ILE A 178 6.58 -20.05 17.14
C ILE A 178 5.28 -20.22 16.35
N VAL A 179 4.29 -19.40 16.71
CA VAL A 179 3.07 -19.30 15.92
C VAL A 179 3.12 -18.00 15.13
N LEU A 180 3.11 -18.12 13.81
CA LEU A 180 3.09 -16.95 12.93
C LEU A 180 1.71 -16.31 12.97
N GLY A 181 1.67 -15.01 13.24
CA GLY A 181 0.43 -14.29 13.49
C GLY A 181 -0.13 -13.52 12.31
N SER A 182 0.08 -14.04 11.10
CA SER A 182 -0.39 -13.38 9.89
C SER A 182 -0.55 -14.37 8.73
N GLY A 183 -1.61 -14.17 7.95
CA GLY A 183 -1.79 -14.90 6.70
C GLY A 183 -0.70 -14.55 5.69
N GLY A 184 -0.14 -13.36 5.83
CA GLY A 184 0.95 -12.88 4.97
C GLY A 184 2.30 -13.52 5.29
N MET A 185 2.39 -14.18 6.45
CA MET A 185 3.61 -14.86 6.87
C MET A 185 3.60 -16.35 6.48
N ALA A 186 2.51 -16.77 5.83
CA ALA A 186 2.25 -18.19 5.56
C ALA A 186 3.39 -18.96 4.92
N THR A 187 4.05 -18.36 3.93
CA THR A 187 5.11 -19.05 3.18
C THR A 187 6.50 -18.98 3.85
N LEU A 188 6.55 -18.41 5.06
CA LEU A 188 7.80 -18.27 5.81
C LEU A 188 8.05 -19.44 6.77
N ALA A 189 6.98 -20.18 7.08
CA ALA A 189 7.00 -21.23 8.10
C ALA A 189 8.08 -22.31 7.88
N GLN A 190 8.13 -22.87 6.68
CA GLN A 190 9.04 -23.95 6.34
C GLN A 190 10.51 -23.55 6.48
N GLN A 191 10.86 -22.41 5.89
CA GLN A 191 12.23 -21.90 5.92
C GLN A 191 12.70 -21.57 7.35
N LEU A 192 11.81 -20.96 8.13
CA LEU A 192 12.12 -20.62 9.52
C LEU A 192 12.22 -21.86 10.41
N THR A 193 11.40 -22.87 10.13
CA THR A 193 11.46 -24.15 10.85
C THR A 193 12.80 -24.84 10.62
N ARG A 194 13.25 -24.86 9.37
CA ARG A 194 14.52 -25.46 8.99
C ARG A 194 15.72 -24.68 9.55
N GLU A 195 15.60 -23.35 9.54
CA GLU A 195 16.67 -22.46 9.97
C GLU A 195 16.84 -22.43 11.48
N LEU A 196 15.73 -22.36 12.21
CA LEU A 196 15.76 -22.21 13.68
C LEU A 196 15.69 -23.52 14.43
N ARG A 197 15.45 -24.62 13.71
CA ARG A 197 15.37 -25.98 14.26
C ARG A 197 14.27 -26.16 15.32
N VAL A 198 13.20 -25.38 15.18
CA VAL A 198 12.01 -25.48 16.02
C VAL A 198 10.76 -25.37 15.14
N PRO A 199 9.60 -25.86 15.62
CA PRO A 199 8.38 -25.68 14.85
C PRO A 199 7.99 -24.20 14.74
N VAL A 200 8.00 -23.69 13.51
CA VAL A 200 7.47 -22.37 13.21
C VAL A 200 6.22 -22.62 12.38
N ILE A 201 5.07 -22.29 12.96
CA ILE A 201 3.78 -22.78 12.46
C ILE A 201 2.96 -21.74 11.71
N ASP A 202 2.58 -22.10 10.49
CA ASP A 202 1.66 -21.31 9.68
C ASP A 202 0.25 -21.88 9.82
N GLY A 203 -0.68 -21.02 10.21
CA GLY A 203 -2.07 -21.42 10.39
C GLY A 203 -2.82 -21.79 9.12
N VAL A 204 -2.41 -21.19 7.99
CA VAL A 204 -3.03 -21.48 6.70
C VAL A 204 -2.88 -22.96 6.35
N SER A 205 -1.63 -23.43 6.32
CA SER A 205 -1.32 -24.82 6.04
C SER A 205 -1.95 -25.77 7.08
N ALA A 206 -1.88 -25.37 8.34
CA ALA A 206 -2.43 -26.15 9.45
C ALA A 206 -3.95 -26.31 9.34
N ALA A 207 -4.64 -25.24 8.98
CA ALA A 207 -6.10 -25.25 8.84
C ALA A 207 -6.54 -26.15 7.68
N VAL A 208 -5.78 -26.13 6.59
CA VAL A 208 -6.03 -27.02 5.45
C VAL A 208 -5.99 -28.48 5.90
N LYS A 209 -4.98 -28.82 6.69
CA LYS A 209 -4.82 -30.19 7.20
C LYS A 209 -5.94 -30.58 8.17
N MET A 210 -6.44 -29.59 8.93
CA MET A 210 -7.54 -29.82 9.86
C MET A 210 -8.85 -30.12 9.12
N VAL A 211 -9.11 -29.36 8.06
CA VAL A 211 -10.28 -29.59 7.20
C VAL A 211 -10.21 -30.98 6.56
N GLU A 212 -9.05 -31.31 5.99
CA GLU A 212 -8.81 -32.63 5.40
C GLU A 212 -9.03 -33.76 6.40
N SER A 213 -8.53 -33.55 7.63
CA SER A 213 -8.67 -34.52 8.71
C SER A 213 -10.14 -34.74 9.08
N LEU A 214 -10.88 -33.64 9.29
CA LEU A 214 -12.30 -33.72 9.66
C LEU A 214 -13.14 -34.38 8.57
N VAL A 215 -12.85 -34.08 7.31
CA VAL A 215 -13.54 -34.69 6.17
C VAL A 215 -13.29 -36.20 6.11
N ALA A 216 -12.03 -36.60 6.35
CA ALA A 216 -11.64 -38.00 6.35
C ALA A 216 -12.25 -38.77 7.53
N LEU A 217 -12.48 -38.06 8.64
CA LEU A 217 -13.13 -38.63 9.82
C LEU A 217 -14.64 -38.71 9.69
N GLY A 218 -15.17 -38.09 8.63
CA GLY A 218 -16.61 -38.00 8.42
C GLY A 218 -17.27 -37.09 9.43
N LEU A 219 -16.56 -36.03 9.80
CA LEU A 219 -17.05 -35.07 10.78
C LEU A 219 -17.24 -33.69 10.17
N ALA A 220 -18.35 -33.05 10.53
CA ALA A 220 -18.64 -31.69 10.11
C ALA A 220 -19.25 -30.92 11.28
N THR A 221 -19.47 -29.62 11.09
CA THR A 221 -20.04 -28.76 12.12
C THR A 221 -21.37 -29.32 12.64
N SER A 222 -21.50 -29.37 13.96
CA SER A 222 -22.73 -29.79 14.60
C SER A 222 -23.86 -28.81 14.30
N LYS A 223 -24.97 -29.33 13.80
CA LYS A 223 -26.16 -28.52 13.54
C LYS A 223 -27.17 -28.67 14.67
N HIS A 224 -26.70 -29.22 15.78
CA HIS A 224 -27.50 -29.36 17.00
C HIS A 224 -27.17 -28.21 17.95
N GLY A 225 -28.07 -27.24 18.04
CA GLY A 225 -27.97 -26.15 19.00
C GLY A 225 -27.25 -24.89 18.52
N ASP A 226 -26.09 -24.64 19.10
CA ASP A 226 -25.38 -23.36 18.96
C ASP A 226 -24.93 -23.00 17.55
N LEU A 227 -24.52 -24.01 16.78
CA LEU A 227 -24.00 -23.79 15.44
C LEU A 227 -24.92 -24.31 14.34
N ALA A 228 -26.20 -24.45 14.69
CA ALA A 228 -27.24 -24.79 13.72
C ALA A 228 -27.32 -23.70 12.65
N PHE A 229 -27.88 -24.05 11.50
CA PHE A 229 -28.12 -23.07 10.44
C PHE A 229 -28.90 -21.89 11.00
N PRO A 230 -28.61 -20.66 10.52
CA PRO A 230 -29.29 -19.47 11.02
C PRO A 230 -30.81 -19.61 10.94
N GLU A 231 -31.51 -19.05 11.92
CA GLU A 231 -32.98 -19.06 11.93
C GLU A 231 -33.50 -18.38 10.68
N LYS A 232 -34.55 -18.94 10.09
CA LYS A 232 -35.10 -18.43 8.83
C LYS A 232 -35.69 -17.04 9.02
N LYS A 233 -35.10 -16.07 8.33
CA LYS A 233 -35.55 -14.68 8.37
C LYS A 233 -35.08 -13.88 7.16
N ALA A 234 -35.80 -12.79 6.88
CA ALA A 234 -35.51 -11.96 5.73
C ALA A 234 -34.36 -10.99 6.00
N LEU A 235 -33.31 -11.09 5.20
CA LEU A 235 -32.18 -10.18 5.27
C LEU A 235 -32.40 -9.04 4.28
N SER A 236 -32.16 -7.80 4.73
CA SER A 236 -32.44 -6.62 3.92
C SER A 236 -31.18 -5.95 3.37
N GLY A 237 -31.36 -5.20 2.28
CA GLY A 237 -30.28 -4.42 1.67
C GLY A 237 -29.09 -5.23 1.22
N GLN A 238 -27.90 -4.79 1.63
CA GLN A 238 -26.63 -5.40 1.23
C GLN A 238 -26.47 -6.85 1.71
N PHE A 239 -27.28 -7.26 2.67
CA PHE A 239 -27.15 -8.57 3.31
C PHE A 239 -28.08 -9.65 2.72
N GLN A 240 -28.96 -9.25 1.81
CA GLN A 240 -30.01 -10.15 1.29
C GLN A 240 -29.50 -11.39 0.54
N SER A 241 -28.25 -11.35 0.09
CA SER A 241 -27.66 -12.46 -0.67
C SER A 241 -26.87 -13.46 0.18
N LEU A 242 -26.79 -13.20 1.48
CA LEU A 242 -25.95 -14.01 2.38
C LEU A 242 -26.49 -15.40 2.71
N ASN A 243 -27.82 -15.53 2.75
CA ASN A 243 -28.45 -16.80 3.10
C ASN A 243 -29.62 -17.17 2.17
N PRO A 244 -29.33 -17.64 0.94
CA PRO A 244 -30.37 -18.04 0.00
C PRO A 244 -30.86 -19.48 0.21
N PHE A 245 -30.23 -20.18 1.16
CA PHE A 245 -30.55 -21.57 1.45
C PHE A 245 -31.80 -21.69 2.31
N SER B 1 -0.90 16.08 12.10
CA SER B 1 -2.32 16.14 11.67
C SER B 1 -2.49 15.76 10.19
N VAL B 2 -1.70 16.40 9.32
CA VAL B 2 -1.74 16.13 7.89
C VAL B 2 -0.35 15.69 7.40
N ARG B 3 -0.27 14.48 6.87
CA ARG B 3 0.99 13.96 6.35
C ARG B 3 1.00 13.92 4.83
N ILE B 4 1.95 14.65 4.24
CA ILE B 4 2.08 14.71 2.78
C ILE B 4 3.41 14.10 2.34
N GLN B 5 3.31 13.08 1.50
CA GLN B 5 4.48 12.42 0.95
C GLN B 5 4.93 13.14 -0.31
N VAL B 6 6.13 13.73 -0.26
CA VAL B 6 6.69 14.42 -1.42
C VAL B 6 7.72 13.52 -2.10
N ILE B 7 7.35 13.01 -3.27
CA ILE B 7 8.17 12.03 -3.98
C ILE B 7 9.05 12.66 -5.04
N ASN B 8 10.37 12.60 -4.80
CA ASN B 8 11.33 12.87 -5.85
C ASN B 8 11.44 11.63 -6.72
N PRO B 9 10.96 11.71 -7.97
CA PRO B 9 10.92 10.54 -8.85
C PRO B 9 12.29 10.04 -9.30
N ASN B 10 13.33 10.87 -9.15
CA ASN B 10 14.70 10.42 -9.38
C ASN B 10 15.38 9.99 -8.06
N THR B 11 16.51 9.31 -8.18
CA THR B 11 17.18 8.72 -7.02
C THR B 11 18.20 9.64 -6.34
N SER B 12 18.33 10.87 -6.83
CA SER B 12 19.28 11.84 -6.29
C SER B 12 18.91 12.25 -4.86
N LEU B 13 19.74 11.84 -3.90
CA LEU B 13 19.57 12.24 -2.50
C LEU B 13 19.69 13.75 -2.32
N ALA B 14 20.60 14.36 -3.07
CA ALA B 14 20.82 15.80 -3.04
C ALA B 14 19.58 16.58 -3.46
N MET B 15 18.92 16.12 -4.53
CA MET B 15 17.71 16.78 -5.02
C MET B 15 16.51 16.52 -4.11
N THR B 16 16.46 15.33 -3.51
CA THR B 16 15.43 14.98 -2.53
C THR B 16 15.50 15.93 -1.33
N GLU B 17 16.72 16.31 -0.95
CA GLU B 17 16.95 17.27 0.13
C GLU B 17 16.52 18.69 -0.26
N THR B 18 16.77 19.08 -1.50
CA THR B 18 16.34 20.37 -2.03
C THR B 18 14.81 20.45 -2.09
N ILE B 19 14.20 19.37 -2.59
CA ILE B 19 12.74 19.26 -2.70
C ILE B 19 12.08 19.26 -1.32
N GLY B 20 12.64 18.48 -0.40
CA GLY B 20 12.14 18.40 0.97
C GLY B 20 12.17 19.73 1.71
N ALA B 21 13.26 20.47 1.52
CA ALA B 21 13.44 21.78 2.14
C ALA B 21 12.43 22.80 1.64
N ALA B 22 12.18 22.81 0.33
CA ALA B 22 11.21 23.72 -0.28
C ALA B 22 9.78 23.38 0.16
N ALA B 23 9.51 22.10 0.35
CA ALA B 23 8.21 21.62 0.80
C ALA B 23 7.90 22.03 2.24
N ARG B 24 8.89 21.86 3.12
CA ARG B 24 8.75 22.18 4.54
C ARG B 24 8.66 23.69 4.80
N ALA B 25 9.31 24.48 3.94
CA ALA B 25 9.38 25.93 4.09
C ALA B 25 8.02 26.63 3.94
N VAL B 26 7.10 26.00 3.19
CA VAL B 26 5.78 26.58 2.94
C VAL B 26 4.64 25.81 3.62
N ALA B 27 4.97 24.63 4.15
CA ALA B 27 3.98 23.77 4.80
C ALA B 27 3.26 24.46 5.95
N ALA B 28 1.95 24.31 5.99
CA ALA B 28 1.11 24.88 7.05
C ALA B 28 1.43 24.20 8.39
N PRO B 29 1.20 24.92 9.51
CA PRO B 29 1.37 24.29 10.82
C PRO B 29 0.48 23.06 10.97
N GLY B 30 1.07 21.96 11.41
CA GLY B 30 0.35 20.70 11.54
C GLY B 30 0.55 19.76 10.36
N THR B 31 1.26 20.25 9.34
CA THR B 31 1.60 19.43 8.18
C THR B 31 2.99 18.82 8.33
N GLU B 32 3.06 17.50 8.15
CA GLU B 32 4.33 16.79 8.14
C GLU B 32 4.70 16.42 6.70
N ILE B 33 5.93 16.75 6.32
CA ILE B 33 6.45 16.43 4.99
C ILE B 33 7.29 15.16 5.06
N LEU B 34 6.94 14.20 4.21
CA LEU B 34 7.74 12.98 4.06
C LEU B 34 8.41 12.98 2.68
N ALA B 35 9.65 13.49 2.64
CA ALA B 35 10.41 13.59 1.40
C ALA B 35 11.11 12.27 1.11
N VAL B 36 10.74 11.66 -0.02
CA VAL B 36 11.24 10.34 -0.39
C VAL B 36 11.69 10.26 -1.85
N CYS B 37 12.40 9.19 -2.17
CA CYS B 37 12.78 8.87 -3.56
C CYS B 37 12.68 7.36 -3.75
N PRO B 38 12.62 6.88 -5.02
CA PRO B 38 12.55 5.45 -5.26
C PRO B 38 13.82 4.72 -4.81
N ARG B 39 13.68 3.47 -4.39
CA ARG B 39 14.81 2.64 -3.98
C ARG B 39 15.67 2.23 -5.18
N ALA B 40 15.04 2.19 -6.36
CA ALA B 40 15.71 1.89 -7.61
C ALA B 40 15.16 2.75 -8.74
N GLY B 41 16.03 3.18 -9.64
CA GLY B 41 15.60 3.98 -10.79
C GLY B 41 16.69 4.79 -11.46
N VAL B 42 16.34 6.03 -11.77
CA VAL B 42 17.19 6.92 -12.56
C VAL B 42 17.71 8.08 -11.68
N PRO B 43 18.99 8.46 -11.84
CA PRO B 43 19.57 9.56 -11.06
C PRO B 43 19.01 10.92 -11.43
N SER B 44 18.58 11.07 -12.67
CA SER B 44 17.94 12.29 -13.17
C SER B 44 17.00 11.94 -14.31
N ILE B 45 15.94 12.74 -14.46
CA ILE B 45 14.94 12.47 -15.49
C ILE B 45 15.14 13.43 -16.66
N GLU B 46 15.60 12.87 -17.78
CA GLU B 46 16.00 13.67 -18.95
C GLU B 46 15.48 13.08 -20.25
N GLY B 47 14.19 12.80 -20.30
CA GLY B 47 13.55 12.24 -21.50
C GLY B 47 12.46 11.25 -21.21
N HIS B 48 11.87 10.70 -22.26
CA HIS B 48 10.70 9.82 -22.17
C HIS B 48 11.01 8.47 -21.51
N PHE B 49 12.17 7.90 -21.85
CA PHE B 49 12.63 6.64 -21.25
C PHE B 49 12.82 6.79 -19.74
N ASP B 50 13.49 7.88 -19.34
CA ASP B 50 13.69 8.20 -17.93
C ASP B 50 12.38 8.36 -17.19
N GLU B 51 11.39 8.98 -17.85
CA GLU B 51 10.07 9.19 -17.25
C GLU B 51 9.31 7.90 -17.00
N ALA B 52 9.45 6.94 -17.92
CA ALA B 52 8.81 5.64 -17.78
C ALA B 52 9.33 4.85 -16.58
N ILE B 53 10.64 4.93 -16.34
CA ILE B 53 11.26 4.33 -15.16
C ILE B 53 10.84 5.10 -13.90
N ALA B 54 10.85 6.43 -13.98
CA ALA B 54 10.45 7.30 -12.88
C ALA B 54 9.00 7.04 -12.45
N ALA B 55 8.14 6.77 -13.43
CA ALA B 55 6.73 6.50 -13.19
C ALA B 55 6.52 5.29 -12.27
N VAL B 56 7.26 4.21 -12.53
CA VAL B 56 7.18 3.01 -11.71
C VAL B 56 7.81 3.25 -10.32
N GLY B 57 8.85 4.08 -10.28
CA GLY B 57 9.46 4.52 -9.03
C GLY B 57 8.49 5.34 -8.19
N VAL B 58 7.71 6.19 -8.86
CA VAL B 58 6.64 6.95 -8.21
C VAL B 58 5.62 5.99 -7.61
N LEU B 59 5.20 5.00 -8.40
CA LEU B 59 4.23 4.00 -7.94
C LEU B 59 4.70 3.21 -6.73
N GLU B 60 6.00 2.89 -6.71
CA GLU B 60 6.63 2.22 -5.57
C GLU B 60 6.48 3.04 -4.29
N GLN B 61 6.69 4.35 -4.41
CA GLN B 61 6.57 5.27 -3.27
C GLN B 61 5.12 5.61 -2.92
N ILE B 62 4.26 5.68 -3.94
CA ILE B 62 2.81 5.82 -3.73
C ILE B 62 2.31 4.66 -2.87
N ARG B 63 2.72 3.45 -3.24
CA ARG B 63 2.41 2.23 -2.48
C ARG B 63 2.89 2.37 -1.04
N ALA B 64 4.14 2.81 -0.87
CA ALA B 64 4.74 3.01 0.44
C ALA B 64 3.98 4.04 1.28
N GLY B 65 3.58 5.14 0.64
CA GLY B 65 2.81 6.19 1.30
C GLY B 65 1.42 5.75 1.71
N ARG B 66 0.72 5.07 0.81
CA ARG B 66 -0.61 4.52 1.08
C ARG B 66 -0.53 3.43 2.16
N GLU B 67 0.57 2.70 2.17
CA GLU B 67 0.85 1.68 3.19
C GLU B 67 0.98 2.31 4.57
N GLN B 68 1.48 3.54 4.61
CA GLN B 68 1.67 4.30 5.85
C GLN B 68 0.42 5.10 6.23
N GLY B 69 -0.50 5.23 5.29
CA GLY B 69 -1.74 5.97 5.51
C GLY B 69 -1.57 7.48 5.46
N VAL B 70 -0.78 7.95 4.50
CA VAL B 70 -0.58 9.40 4.31
C VAL B 70 -1.83 10.04 3.71
N ASP B 71 -1.92 11.36 3.83
CA ASP B 71 -3.12 12.10 3.41
C ASP B 71 -3.07 12.55 1.95
N GLY B 72 -1.86 12.65 1.40
CA GLY B 72 -1.68 13.08 0.02
C GLY B 72 -0.27 12.88 -0.50
N HIS B 73 -0.10 13.06 -1.81
CA HIS B 73 1.18 12.82 -2.46
C HIS B 73 1.55 13.94 -3.42
N VAL B 74 2.85 14.19 -3.55
CA VAL B 74 3.37 15.14 -4.52
C VAL B 74 4.40 14.42 -5.41
N ILE B 75 4.22 14.53 -6.72
CA ILE B 75 5.21 14.02 -7.68
C ILE B 75 6.13 15.16 -8.06
N ALA B 76 7.35 15.14 -7.51
CA ALA B 76 8.27 16.27 -7.60
C ALA B 76 9.28 16.21 -8.75
N SER B 77 8.78 15.91 -9.94
CA SER B 77 9.55 16.05 -11.16
C SER B 77 8.71 16.79 -12.18
N PHE B 78 9.32 17.79 -12.82
CA PHE B 78 8.67 18.54 -13.88
C PHE B 78 8.54 17.62 -15.09
N GLY B 79 7.30 17.25 -15.37
CA GLY B 79 7.00 16.15 -16.28
C GLY B 79 5.93 15.28 -15.67
N ASP B 80 5.78 15.41 -14.34
CA ASP B 80 4.76 14.72 -13.55
C ASP B 80 4.62 13.23 -13.91
N PRO B 81 5.74 12.48 -13.86
CA PRO B 81 5.73 11.09 -14.33
C PRO B 81 4.78 10.20 -13.53
N GLY B 82 3.95 9.46 -14.25
CA GLY B 82 3.00 8.50 -13.67
C GLY B 82 1.87 9.11 -12.86
N LEU B 83 1.50 10.36 -13.18
CA LEU B 83 0.48 11.09 -12.41
C LEU B 83 -0.86 10.33 -12.33
N LEU B 84 -1.40 9.94 -13.47
CA LEU B 84 -2.70 9.28 -13.51
C LEU B 84 -2.65 7.85 -12.96
N ALA B 85 -1.53 7.17 -13.20
CA ALA B 85 -1.28 5.86 -12.61
C ALA B 85 -1.26 5.95 -11.09
N ALA B 86 -0.59 6.99 -10.57
CA ALA B 86 -0.51 7.25 -9.13
C ALA B 86 -1.87 7.58 -8.53
N ARG B 87 -2.68 8.33 -9.27
CA ARG B 87 -4.02 8.71 -8.82
C ARG B 87 -4.95 7.51 -8.68
N GLU B 88 -4.75 6.50 -9.54
CA GLU B 88 -5.49 5.24 -9.45
C GLU B 88 -5.08 4.46 -8.20
N LEU B 89 -3.77 4.37 -7.96
CA LEU B 89 -3.24 3.58 -6.85
C LEU B 89 -3.47 4.23 -5.48
N ALA B 90 -3.31 5.55 -5.41
CA ALA B 90 -3.44 6.28 -4.15
C ALA B 90 -4.90 6.58 -3.80
N GLN B 91 -5.18 6.66 -2.50
CA GLN B 91 -6.48 7.10 -2.01
C GLN B 91 -6.49 8.61 -1.86
N GLY B 92 -5.45 9.15 -1.24
CA GLY B 92 -5.28 10.60 -1.10
C GLY B 92 -4.93 11.23 -2.45
N PRO B 93 -5.16 12.56 -2.57
CA PRO B 93 -4.87 13.25 -3.82
C PRO B 93 -3.39 13.21 -4.20
N VAL B 94 -3.11 13.18 -5.50
CA VAL B 94 -1.75 13.21 -6.01
C VAL B 94 -1.61 14.42 -6.94
N ILE B 95 -0.66 15.29 -6.62
CA ILE B 95 -0.44 16.51 -7.40
C ILE B 95 0.98 16.55 -7.98
N GLY B 96 1.07 16.79 -9.28
CA GLY B 96 2.35 16.95 -9.95
C GLY B 96 2.84 18.38 -9.78
N ILE B 97 4.16 18.56 -9.80
CA ILE B 97 4.74 19.90 -9.61
C ILE B 97 4.60 20.79 -10.85
N ALA B 98 4.64 20.19 -12.04
CA ALA B 98 4.38 20.93 -13.26
C ALA B 98 2.92 21.38 -13.28
N GLU B 99 2.03 20.45 -12.94
CA GLU B 99 0.61 20.71 -12.80
C GLU B 99 0.33 21.87 -11.85
N ALA B 100 0.90 21.80 -10.65
CA ALA B 100 0.68 22.81 -9.61
C ALA B 100 1.22 24.18 -9.98
N ALA B 101 2.45 24.21 -10.51
CA ALA B 101 3.09 25.47 -10.91
C ALA B 101 2.31 26.18 -12.03
N MET B 102 1.86 25.40 -13.01
CA MET B 102 1.06 25.93 -14.11
C MET B 102 -0.29 26.47 -13.62
N HIS B 103 -0.93 25.73 -12.72
CA HIS B 103 -2.20 26.15 -12.12
C HIS B 103 -2.07 27.48 -11.37
N MET B 104 -1.01 27.61 -10.57
CA MET B 104 -0.75 28.84 -9.81
C MET B 104 -0.45 30.02 -10.72
N ALA B 105 0.30 29.77 -11.79
CA ALA B 105 0.70 30.80 -12.74
C ALA B 105 -0.48 31.52 -13.36
N THR B 106 -1.53 30.76 -13.70
CA THR B 106 -2.74 31.32 -14.32
C THR B 106 -3.56 32.17 -13.35
N MET B 107 -3.28 32.03 -12.06
CA MET B 107 -3.98 32.77 -11.02
C MET B 107 -3.35 34.13 -10.72
N VAL B 108 -2.12 34.33 -11.17
CA VAL B 108 -1.37 35.56 -10.87
C VAL B 108 -0.86 36.31 -12.11
N ALA B 109 -1.05 35.72 -13.29
CA ALA B 109 -0.63 36.34 -14.55
C ALA B 109 -1.51 35.88 -15.69
N THR B 110 -1.58 36.69 -16.75
CA THR B 110 -2.31 36.30 -17.95
C THR B 110 -1.57 35.19 -18.69
N ARG B 111 -0.26 35.34 -18.83
CA ARG B 111 0.58 34.35 -19.48
C ARG B 111 1.90 34.15 -18.73
N PHE B 112 2.46 32.96 -18.85
CA PHE B 112 3.72 32.62 -18.17
C PHE B 112 4.75 32.04 -19.13
N SER B 113 6.02 32.13 -18.73
CA SER B 113 7.12 31.47 -19.43
C SER B 113 7.69 30.34 -18.59
N ILE B 114 8.09 29.26 -19.24
CA ILE B 114 8.71 28.12 -18.55
C ILE B 114 10.22 28.14 -18.77
N VAL B 115 10.98 27.97 -17.69
CA VAL B 115 12.43 27.82 -17.76
C VAL B 115 12.84 26.47 -17.16
N THR B 116 13.24 25.54 -18.03
CA THR B 116 13.66 24.20 -17.62
C THR B 116 15.17 24.01 -17.85
N THR B 117 15.66 22.79 -17.65
CA THR B 117 17.11 22.53 -17.68
C THR B 117 17.62 22.05 -19.05
N LEU B 118 17.14 20.90 -19.52
CA LEU B 118 17.58 20.32 -20.79
C LEU B 118 16.62 20.60 -21.95
N PRO B 119 17.16 20.93 -23.14
CA PRO B 119 16.37 21.17 -24.36
C PRO B 119 15.47 20.00 -24.77
N ARG B 120 15.93 18.77 -24.56
CA ARG B 120 15.15 17.59 -24.96
C ARG B 120 13.91 17.34 -24.09
N THR B 121 13.83 18.03 -22.96
CA THR B 121 12.69 17.91 -22.05
C THR B 121 11.59 18.93 -22.35
N LEU B 122 11.87 19.85 -23.28
CA LEU B 122 10.90 20.88 -23.68
C LEU B 122 9.63 20.27 -24.28
N ILE B 123 9.80 19.22 -25.09
CA ILE B 123 8.67 18.52 -25.70
C ILE B 123 7.73 17.89 -24.66
N ILE B 124 8.32 17.42 -23.56
CA ILE B 124 7.56 16.86 -22.44
C ILE B 124 6.70 17.94 -21.78
N ALA B 125 7.31 19.12 -21.59
CA ALA B 125 6.59 20.28 -21.06
C ALA B 125 5.47 20.74 -21.99
N ARG B 126 5.73 20.70 -23.30
CA ARG B 126 4.73 21.04 -24.31
C ARG B 126 3.53 20.10 -24.25
N HIS B 127 3.81 18.82 -24.08
CA HIS B 127 2.78 17.78 -23.95
C HIS B 127 1.90 18.03 -22.73
N LEU B 128 2.51 18.39 -21.61
CA LEU B 128 1.78 18.67 -20.37
C LEU B 128 0.90 19.91 -20.50
N LEU B 129 1.41 20.95 -21.17
CA LEU B 129 0.64 22.16 -21.43
C LEU B 129 -0.66 21.83 -22.17
N HIS B 130 -0.56 20.99 -23.20
CA HIS B 130 -1.73 20.54 -23.96
C HIS B 130 -2.65 19.66 -23.13
N GLN B 131 -2.07 18.73 -22.38
CA GLN B 131 -2.82 17.80 -21.54
C GLN B 131 -3.61 18.53 -20.44
N TYR B 132 -2.97 19.47 -19.76
CA TYR B 132 -3.59 20.21 -18.67
C TYR B 132 -4.48 21.35 -19.17
N GLY B 133 -4.27 21.76 -20.42
CA GLY B 133 -5.08 22.79 -21.06
C GLY B 133 -4.56 24.21 -20.90
N PHE B 134 -3.25 24.34 -20.71
CA PHE B 134 -2.64 25.65 -20.48
C PHE B 134 -1.77 26.17 -21.63
N HIS B 135 -1.88 25.55 -22.79
CA HIS B 135 -1.05 25.92 -23.95
C HIS B 135 -1.19 27.39 -24.34
N GLN B 136 -2.41 27.90 -24.32
CA GLN B 136 -2.68 29.30 -24.65
C GLN B 136 -2.18 30.28 -23.57
N HIS B 137 -1.97 29.76 -22.36
CA HIS B 137 -1.48 30.56 -21.23
C HIS B 137 0.04 30.62 -21.16
N CYS B 138 0.72 29.81 -21.97
CA CYS B 138 2.18 29.78 -21.98
C CYS B 138 2.72 30.58 -23.17
N ALA B 139 3.43 31.66 -22.87
CA ALA B 139 4.00 32.53 -23.88
C ALA B 139 5.21 31.91 -24.58
N ALA B 140 6.05 31.22 -23.80
CA ALA B 140 7.27 30.60 -24.33
C ALA B 140 7.84 29.55 -23.37
N LEU B 141 8.62 28.63 -23.93
CA LEU B 141 9.33 27.61 -23.16
C LEU B 141 10.82 27.69 -23.46
N HIS B 142 11.63 27.69 -22.42
CA HIS B 142 13.08 27.80 -22.57
C HIS B 142 13.83 26.76 -21.75
N ALA B 143 15.02 26.40 -22.22
CA ALA B 143 15.94 25.53 -21.48
C ALA B 143 17.28 26.24 -21.30
N ILE B 144 17.90 26.03 -20.14
CA ILE B 144 19.21 26.63 -19.84
C ILE B 144 20.37 25.85 -20.47
N ASP B 145 20.04 24.68 -21.04
CA ASP B 145 21.00 23.82 -21.74
C ASP B 145 22.11 23.25 -20.84
N LEU B 146 21.69 22.66 -19.72
CA LEU B 146 22.58 21.92 -18.83
C LEU B 146 21.92 20.63 -18.39
N PRO B 147 22.72 19.61 -18.01
CA PRO B 147 22.12 18.41 -17.44
C PRO B 147 21.39 18.71 -16.14
N VAL B 148 20.36 17.92 -15.83
CA VAL B 148 19.53 18.13 -14.64
C VAL B 148 20.36 18.19 -13.35
N LEU B 149 21.35 17.30 -13.24
CA LEU B 149 22.18 17.20 -12.04
C LEU B 149 23.20 18.33 -11.86
N ALA B 150 23.27 19.24 -12.83
CA ALA B 150 24.11 20.44 -12.71
C ALA B 150 23.57 21.38 -11.62
N LEU B 151 22.28 21.21 -11.28
CA LEU B 151 21.64 21.96 -10.21
C LEU B 151 22.10 21.49 -8.83
N GLU B 152 22.74 20.32 -8.78
CA GLU B 152 23.16 19.71 -7.52
C GLU B 152 24.68 19.54 -7.37
N ASP B 153 25.43 20.07 -8.34
CA ASP B 153 26.89 19.90 -8.34
C ASP B 153 27.64 20.84 -7.38
N GLY B 154 26.91 21.83 -6.84
CA GLY B 154 27.47 22.75 -5.85
C GLY B 154 28.18 23.96 -6.43
N SER B 155 28.27 24.03 -7.75
CA SER B 155 28.95 25.14 -8.43
C SER B 155 28.10 26.41 -8.45
N GLY B 156 26.79 26.25 -8.61
CA GLY B 156 25.86 27.38 -8.68
C GLY B 156 25.72 27.96 -10.07
N LEU B 157 26.32 27.31 -11.06
CA LEU B 157 26.28 27.74 -12.46
C LEU B 157 24.87 27.63 -13.04
N ALA B 158 24.22 26.49 -12.80
CA ALA B 158 22.85 26.25 -13.27
C ALA B 158 21.89 27.27 -12.67
N GLN B 159 22.05 27.55 -11.38
CA GLN B 159 21.24 28.53 -10.66
C GLN B 159 21.36 29.93 -11.25
N GLU B 160 22.57 30.30 -11.66
CA GLU B 160 22.84 31.60 -12.28
C GLU B 160 22.27 31.68 -13.71
N LYS B 161 22.37 30.57 -14.44
CA LYS B 161 21.80 30.49 -15.80
C LYS B 161 20.28 30.62 -15.80
N VAL B 162 19.65 30.03 -14.78
CA VAL B 162 18.20 30.15 -14.60
C VAL B 162 17.81 31.61 -14.39
N ARG B 163 18.51 32.28 -13.48
CA ARG B 163 18.29 33.69 -13.18
C ARG B 163 18.39 34.56 -14.45
N GLU B 164 19.47 34.38 -15.20
CA GLU B 164 19.72 35.15 -16.42
C GLU B 164 18.66 34.90 -17.49
N ARG B 165 18.22 33.65 -17.60
CA ARG B 165 17.22 33.28 -18.59
C ARG B 165 15.82 33.76 -18.21
N CYS B 166 15.58 33.88 -16.90
CA CYS B 166 14.34 34.47 -16.38
C CYS B 166 14.24 35.95 -16.71
N ILE B 167 15.36 36.66 -16.56
CA ILE B 167 15.46 38.08 -16.89
C ILE B 167 15.16 38.32 -18.38
N ARG B 168 15.76 37.51 -19.24
CA ARG B 168 15.54 37.60 -20.68
C ARG B 168 14.10 37.28 -21.07
N ALA B 169 13.53 36.25 -20.42
CA ALA B 169 12.15 35.84 -20.65
C ALA B 169 11.16 36.97 -20.38
N LEU B 170 11.34 37.67 -19.26
CA LEU B 170 10.48 38.79 -18.89
C LEU B 170 10.61 39.98 -19.84
N LYS B 171 11.79 40.13 -20.43
CA LYS B 171 12.05 41.19 -21.38
C LYS B 171 11.44 40.89 -22.76
N GLU B 172 11.48 39.62 -23.16
CA GLU B 172 11.18 39.23 -24.54
C GLU B 172 9.84 38.55 -24.79
N ASP B 173 9.38 37.73 -23.86
CA ASP B 173 8.27 36.80 -24.10
C ASP B 173 6.87 37.41 -24.11
N GLY B 174 6.69 38.53 -23.40
CA GLY B 174 5.35 39.11 -23.21
C GLY B 174 4.55 38.32 -22.19
N SER B 175 5.23 37.82 -21.18
CA SER B 175 4.61 37.07 -20.09
C SER B 175 4.76 37.83 -18.77
N GLY B 176 3.92 37.49 -17.80
CA GLY B 176 3.91 38.16 -16.50
C GLY B 176 4.48 37.35 -15.36
N ALA B 177 4.68 36.05 -15.58
CA ALA B 177 5.20 35.15 -14.55
C ALA B 177 6.15 34.11 -15.13
N ILE B 178 6.96 33.51 -14.24
CA ILE B 178 7.87 32.44 -14.64
C ILE B 178 7.53 31.17 -13.88
N VAL B 179 7.43 30.07 -14.63
CA VAL B 179 7.30 28.74 -14.04
C VAL B 179 8.65 28.04 -14.14
N LEU B 180 9.22 27.69 -12.99
CA LEU B 180 10.48 26.96 -12.95
C LEU B 180 10.24 25.51 -13.34
N GLY B 181 11.02 25.02 -14.31
CA GLY B 181 10.80 23.71 -14.90
C GLY B 181 11.64 22.59 -14.33
N SER B 182 11.88 22.62 -13.02
CA SER B 182 12.68 21.59 -12.34
C SER B 182 12.42 21.55 -10.84
N GLY B 183 12.42 20.33 -10.29
CA GLY B 183 12.37 20.13 -8.85
C GLY B 183 13.64 20.61 -8.16
N GLY B 184 14.73 20.64 -8.93
CA GLY B 184 16.03 21.12 -8.43
C GLY B 184 16.13 22.63 -8.34
N MET B 185 15.20 23.34 -8.98
CA MET B 185 15.14 24.80 -8.94
C MET B 185 14.24 25.30 -7.80
N ALA B 186 13.71 24.36 -7.02
CA ALA B 186 12.68 24.66 -6.01
C ALA B 186 13.01 25.81 -5.05
N THR B 187 14.24 25.81 -4.55
CA THR B 187 14.66 26.80 -3.54
C THR B 187 15.04 28.17 -4.14
N LEU B 188 14.92 28.30 -5.45
CA LEU B 188 15.25 29.54 -6.16
C LEU B 188 14.05 30.47 -6.32
N ALA B 189 12.86 29.94 -6.12
CA ALA B 189 11.60 30.65 -6.39
C ALA B 189 11.46 31.96 -5.62
N GLN B 190 11.68 31.92 -4.31
CA GLN B 190 11.51 33.10 -3.45
C GLN B 190 12.49 34.22 -3.79
N GLN B 191 13.75 33.87 -3.99
CA GLN B 191 14.81 34.84 -4.30
C GLN B 191 14.55 35.56 -5.62
N LEU B 192 14.13 34.80 -6.64
CA LEU B 192 13.85 35.35 -7.96
C LEU B 192 12.58 36.19 -7.99
N THR B 193 11.58 35.79 -7.21
CA THR B 193 10.33 36.54 -7.08
C THR B 193 10.58 37.93 -6.50
N ARG B 194 11.40 37.99 -5.45
CA ARG B 194 11.75 39.24 -4.78
C ARG B 194 12.64 40.13 -5.66
N GLU B 195 13.55 39.51 -6.39
CA GLU B 195 14.51 40.23 -7.23
C GLU B 195 13.90 40.80 -8.50
N LEU B 196 13.10 39.98 -9.19
CA LEU B 196 12.53 40.35 -10.48
C LEU B 196 11.16 41.02 -10.38
N ARG B 197 10.61 41.06 -9.17
CA ARG B 197 9.31 41.68 -8.88
C ARG B 197 8.15 41.09 -9.69
N VAL B 198 8.26 39.79 -10.00
CA VAL B 198 7.20 39.03 -10.67
C VAL B 198 7.07 37.67 -9.98
N PRO B 199 5.91 37.00 -10.14
CA PRO B 199 5.79 35.65 -9.58
C PRO B 199 6.72 34.67 -10.30
N VAL B 200 7.66 34.11 -9.55
CA VAL B 200 8.51 33.03 -10.04
C VAL B 200 8.13 31.79 -9.24
N ILE B 201 7.53 30.82 -9.91
CA ILE B 201 6.78 29.76 -9.24
C ILE B 201 7.50 28.41 -9.22
N ASP B 202 7.68 27.88 -8.00
CA ASP B 202 8.16 26.53 -7.78
C ASP B 202 6.98 25.60 -7.61
N GLY B 203 6.95 24.52 -8.39
CA GLY B 203 5.87 23.55 -8.34
C GLY B 203 5.85 22.69 -7.10
N VAL B 204 7.01 22.49 -6.48
CA VAL B 204 7.12 21.70 -5.25
C VAL B 204 6.30 22.35 -4.13
N SER B 205 6.59 23.62 -3.85
CA SER B 205 5.87 24.38 -2.84
C SER B 205 4.39 24.54 -3.20
N ALA B 206 4.11 24.77 -4.48
CA ALA B 206 2.74 24.91 -4.97
C ALA B 206 1.92 23.63 -4.79
N ALA B 207 2.52 22.49 -5.12
CA ALA B 207 1.86 21.19 -5.00
C ALA B 207 1.53 20.84 -3.56
N VAL B 208 2.43 21.18 -2.64
CA VAL B 208 2.22 20.98 -1.21
C VAL B 208 0.97 21.74 -0.74
N LYS B 209 0.84 22.98 -1.19
CA LYS B 209 -0.32 23.81 -0.84
C LYS B 209 -1.61 23.27 -1.46
N MET B 210 -1.51 22.66 -2.64
CA MET B 210 -2.66 22.08 -3.32
C MET B 210 -3.19 20.85 -2.58
N VAL B 211 -2.27 20.00 -2.13
CA VAL B 211 -2.63 18.82 -1.33
C VAL B 211 -3.28 19.26 -0.01
N GLU B 212 -2.65 20.20 0.67
CA GLU B 212 -3.18 20.77 1.92
C GLU B 212 -4.58 21.33 1.72
N SER B 213 -4.78 22.05 0.62
CA SER B 213 -6.08 22.64 0.27
C SER B 213 -7.15 21.58 0.06
N LEU B 214 -6.83 20.56 -0.74
CA LEU B 214 -7.74 19.45 -1.02
C LEU B 214 -8.13 18.67 0.23
N VAL B 215 -7.15 18.42 1.09
CA VAL B 215 -7.36 17.72 2.36
C VAL B 215 -8.28 18.53 3.28
N ALA B 216 -8.05 19.84 3.34
CA ALA B 216 -8.88 20.75 4.14
C ALA B 216 -10.30 20.90 3.58
N LEU B 217 -10.43 20.73 2.26
CA LEU B 217 -11.72 20.78 1.58
C LEU B 217 -12.49 19.46 1.70
N GLY B 218 -11.80 18.43 2.22
CA GLY B 218 -12.38 17.09 2.33
C GLY B 218 -12.53 16.43 0.97
N LEU B 219 -11.59 16.72 0.08
CA LEU B 219 -11.61 16.19 -1.28
C LEU B 219 -10.43 15.29 -1.55
N ALA B 220 -10.72 14.16 -2.20
CA ALA B 220 -9.69 13.22 -2.62
C ALA B 220 -10.00 12.75 -4.05
N THR B 221 -9.07 12.01 -4.65
CA THR B 221 -9.24 11.48 -5.99
C THR B 221 -10.55 10.71 -6.12
N SER B 222 -11.29 11.02 -7.19
CA SER B 222 -12.54 10.32 -7.49
C SER B 222 -12.26 8.87 -7.82
N LYS B 223 -12.95 7.97 -7.12
CA LYS B 223 -12.86 6.53 -7.40
C LYS B 223 -14.05 6.07 -8.25
N HIS B 224 -14.75 7.04 -8.81
CA HIS B 224 -15.84 6.78 -9.76
C HIS B 224 -15.29 6.80 -11.17
N GLY B 225 -15.04 5.62 -11.72
CA GLY B 225 -14.68 5.47 -13.14
C GLY B 225 -13.21 5.47 -13.46
N ASP B 226 -12.75 6.55 -14.08
CA ASP B 226 -11.42 6.64 -14.71
C ASP B 226 -10.25 6.48 -13.76
N LEU B 227 -10.39 7.00 -12.55
CA LEU B 227 -9.29 6.96 -11.58
C LEU B 227 -9.58 6.04 -10.39
N ALA B 228 -10.49 5.09 -10.61
CA ALA B 228 -10.76 4.04 -9.65
C ALA B 228 -9.50 3.20 -9.41
N PHE B 229 -9.44 2.51 -8.28
CA PHE B 229 -8.33 1.61 -7.99
C PHE B 229 -8.16 0.59 -9.11
N PRO B 230 -6.91 0.17 -9.37
CA PRO B 230 -6.64 -0.79 -10.46
C PRO B 230 -7.52 -2.02 -10.38
N GLU B 231 -7.90 -2.55 -11.53
CA GLU B 231 -8.72 -3.76 -11.59
C GLU B 231 -7.99 -4.93 -10.92
N LYS B 232 -8.75 -5.73 -10.19
CA LYS B 232 -8.19 -6.80 -9.36
C LYS B 232 -7.66 -7.95 -10.22
N LYS B 233 -6.33 -8.03 -10.32
CA LYS B 233 -5.66 -9.07 -11.11
C LYS B 233 -4.26 -9.37 -10.56
N ALA B 234 -3.79 -10.59 -10.79
CA ALA B 234 -2.48 -11.04 -10.32
C ALA B 234 -1.36 -10.45 -11.14
N LEU B 235 -0.49 -9.68 -10.50
CA LEU B 235 0.67 -9.10 -11.16
C LEU B 235 1.88 -10.01 -10.98
N SER B 236 2.59 -10.30 -12.06
CA SER B 236 3.71 -11.24 -12.05
C SER B 236 5.05 -10.55 -11.78
N GLY B 237 6.01 -11.32 -11.26
CA GLY B 237 7.36 -10.85 -11.00
C GLY B 237 7.43 -9.80 -9.90
N GLN B 238 8.23 -8.76 -10.14
CA GLN B 238 8.45 -7.70 -9.16
C GLN B 238 7.33 -6.65 -9.08
N PHE B 239 6.31 -6.80 -9.93
CA PHE B 239 5.24 -5.80 -10.04
C PHE B 239 4.12 -5.95 -9.02
N GLN B 240 3.95 -7.16 -8.47
CA GLN B 240 2.93 -7.44 -7.45
C GLN B 240 3.08 -6.52 -6.22
N SER B 241 4.31 -6.12 -5.94
CA SER B 241 4.64 -5.26 -4.81
C SER B 241 4.15 -3.81 -4.97
N LEU B 242 3.84 -3.43 -6.21
CA LEU B 242 3.31 -2.09 -6.49
C LEU B 242 1.87 -1.94 -6.04
N ASN B 243 1.12 -3.04 -6.07
CA ASN B 243 -0.26 -3.05 -5.60
C ASN B 243 -0.58 -4.23 -4.67
N PRO B 244 -0.19 -4.12 -3.38
CA PRO B 244 -0.53 -5.13 -2.39
C PRO B 244 -1.91 -4.92 -1.79
N PHE B 245 -2.66 -3.96 -2.33
CA PHE B 245 -3.97 -3.57 -1.78
C PHE B 245 -5.11 -4.35 -2.44
#